data_4PMR
#
_entry.id   4PMR
#
_cell.length_a   81.980
_cell.length_b   62.500
_cell.length_c   38.730
_cell.angle_alpha   90.00
_cell.angle_beta   109.84
_cell.angle_gamma   90.00
#
_symmetry.space_group_name_H-M   'C 1 2 1'
#
loop_
_entity.id
_entity.type
_entity.pdbx_description
1 polymer 'Tat-secreted protein Rv2525c'
2 non-polymer '4-(2-HYDROXYETHYL)-1-PIPERAZINE ETHANESULFONIC ACID'
3 non-polymer 'SODIUM ION'
4 water water
#
_entity_poly.entity_id   1
_entity_poly.type   'polypeptide(L)'
_entity_poly.pdbx_seq_one_letter_code
;GGSLGTLLDYAAGVIPASQIRAAGAVGAIRYVSDRRPGGAWMLGKPIQLSEARDLSGNGLKIVSCYQYGKGSTADWLGGA
SAGVQHARRGSELHAAAGGPTSAPIYASIDDNPSYEQYKNQIVPYLRSWESVIGHQRTGVYANSKTIDWAVNDGLGSYFW
QHNWGSPKGYTHPAAHLHQVEIDKRKVGGVGVDVNQILKPQFGQWA
;
_entity_poly.pdbx_strand_id   A
#
loop_
_chem_comp.id
_chem_comp.type
_chem_comp.name
_chem_comp.formula
EPE non-polymer '4-(2-HYDROXYETHYL)-1-PIPERAZINE ETHANESULFONIC ACID' 'C8 H18 N2 O4 S'
NA non-polymer 'SODIUM ION' 'Na 1'
#
# COMPACT_ATOMS: atom_id res chain seq x y z
N SER A 3 -5.53 21.02 -6.34
CA SER A 3 -4.77 19.85 -5.92
C SER A 3 -5.29 18.58 -6.58
N LEU A 4 -4.44 17.53 -6.68
CA LEU A 4 -4.81 16.26 -7.29
C LEU A 4 -5.72 15.45 -6.39
N GLY A 5 -5.78 15.79 -5.10
CA GLY A 5 -6.69 15.11 -4.21
C GLY A 5 -6.04 14.23 -3.16
N THR A 6 -6.87 13.64 -2.30
CA THR A 6 -6.36 12.78 -1.24
C THR A 6 -7.04 11.41 -1.24
N LEU A 7 -6.32 10.41 -0.74
CA LEU A 7 -6.85 9.07 -0.54
C LEU A 7 -6.73 8.72 0.95
N LEU A 8 -7.70 7.99 1.47
CA LEU A 8 -7.65 7.51 2.87
C LEU A 8 -7.18 6.08 2.90
N ASP A 9 -6.23 5.72 3.82
CA ASP A 9 -5.82 4.31 3.98
C ASP A 9 -6.26 3.87 5.36
N TYR A 10 -6.75 2.63 5.47
CA TYR A 10 -7.30 2.10 6.72
C TYR A 10 -7.47 0.57 6.63
N ALA A 11 -7.31 -0.08 7.78
CA ALA A 11 -7.40 -1.53 7.96
C ALA A 11 -8.46 -1.96 8.99
N ALA A 12 -8.89 -1.06 9.90
CA ALA A 12 -9.77 -1.40 11.03
C ALA A 12 -11.27 -1.60 10.69
N GLY A 13 -11.69 -1.20 9.49
CA GLY A 13 -13.09 -1.36 9.09
C GLY A 13 -13.32 -1.01 7.64
N VAL A 14 -14.59 -1.11 7.23
CA VAL A 14 -15.06 -0.77 5.90
C VAL A 14 -15.85 0.53 6.06
N ILE A 15 -15.46 1.57 5.33
CA ILE A 15 -16.12 2.86 5.42
C ILE A 15 -17.06 3.01 4.21
N PRO A 16 -18.34 3.38 4.46
CA PRO A 16 -19.28 3.60 3.34
C PRO A 16 -18.78 4.70 2.41
N ALA A 17 -19.00 4.52 1.12
CA ALA A 17 -18.57 5.45 0.09
C ALA A 17 -18.97 6.90 0.38
N SER A 18 -20.18 7.14 0.94
CA SER A 18 -20.68 8.49 1.26
C SER A 18 -19.84 9.17 2.37
N GLN A 19 -19.21 8.40 3.28
CA GLN A 19 -18.37 9.00 4.34
C GLN A 19 -16.97 9.33 3.83
N ILE A 20 -16.47 8.58 2.82
CA ILE A 20 -15.18 8.90 2.21
C ILE A 20 -15.35 10.22 1.46
N ARG A 21 -16.48 10.36 0.73
CA ARG A 21 -16.82 11.57 -0.02
C ARG A 21 -16.94 12.76 0.92
N ALA A 22 -17.70 12.58 2.04
CA ALA A 22 -17.93 13.60 3.07
C ALA A 22 -16.62 14.11 3.67
N ALA A 23 -15.59 13.22 3.81
CA ALA A 23 -14.28 13.55 4.32
C ALA A 23 -13.40 14.30 3.28
N GLY A 24 -13.90 14.45 2.05
CA GLY A 24 -13.19 15.17 0.98
C GLY A 24 -12.21 14.38 0.14
N ALA A 25 -11.99 13.10 0.50
CA ALA A 25 -11.10 12.21 -0.26
C ALA A 25 -11.76 11.79 -1.60
N VAL A 26 -10.94 11.40 -2.57
CA VAL A 26 -11.41 10.99 -3.90
C VAL A 26 -11.32 9.45 -4.03
N GLY A 27 -10.89 8.81 -2.95
CA GLY A 27 -10.75 7.36 -2.93
C GLY A 27 -10.05 6.82 -1.71
N ALA A 28 -9.72 5.53 -1.77
CA ALA A 28 -9.12 4.84 -0.64
C ALA A 28 -8.03 3.91 -1.08
N ILE A 29 -7.04 3.74 -0.19
CA ILE A 29 -5.97 2.74 -0.36
C ILE A 29 -6.42 1.61 0.57
N ARG A 30 -6.55 0.40 0.03
CA ARG A 30 -7.15 -0.70 0.74
C ARG A 30 -6.30 -1.96 0.68
N TYR A 31 -6.44 -2.78 1.71
CA TYR A 31 -5.57 -3.96 1.89
C TYR A 31 -5.96 -5.19 1.12
N VAL A 32 -4.96 -5.75 0.44
CA VAL A 32 -5.14 -7.03 -0.25
C VAL A 32 -4.32 -8.07 0.58
N SER A 33 -4.55 -8.04 1.91
CA SER A 33 -3.85 -8.92 2.86
C SER A 33 -4.81 -9.53 3.88
N ASP A 34 -4.37 -10.62 4.52
CA ASP A 34 -5.14 -11.27 5.58
C ASP A 34 -4.88 -10.61 6.91
N ARG A 35 -5.70 -10.93 7.91
CA ARG A 35 -5.52 -10.48 9.29
C ARG A 35 -4.54 -11.39 9.95
N ARG A 36 -3.59 -10.85 10.69
CA ARG A 36 -2.69 -11.79 11.36
C ARG A 36 -3.47 -12.40 12.58
N PRO A 37 -3.10 -13.62 13.09
CA PRO A 37 -3.84 -14.21 14.22
C PRO A 37 -3.93 -13.23 15.41
N GLY A 38 -5.14 -13.07 15.95
CA GLY A 38 -5.43 -12.13 17.03
C GLY A 38 -5.82 -10.74 16.55
N GLY A 39 -5.71 -10.50 15.25
CA GLY A 39 -6.05 -9.20 14.68
C GLY A 39 -7.50 -9.09 14.27
N ALA A 40 -8.42 -9.32 15.25
CA ALA A 40 -9.88 -9.27 15.11
C ALA A 40 -10.39 -7.88 14.72
N TRP A 41 -9.71 -6.81 15.20
CA TRP A 41 -10.06 -5.43 14.90
C TRP A 41 -9.91 -5.10 13.40
N MET A 42 -9.09 -5.89 12.63
CA MET A 42 -8.75 -5.60 11.24
C MET A 42 -9.88 -5.97 10.27
N LEU A 43 -11.06 -5.38 10.46
CA LEU A 43 -12.25 -5.68 9.64
C LEU A 43 -12.09 -5.22 8.18
N GLY A 44 -11.13 -4.32 7.93
CA GLY A 44 -10.83 -3.83 6.58
C GLY A 44 -9.80 -4.65 5.83
N LYS A 45 -9.43 -5.82 6.38
CA LYS A 45 -8.48 -6.74 5.74
C LYS A 45 -9.16 -8.09 5.42
N PRO A 46 -9.22 -8.51 4.13
CA PRO A 46 -8.86 -7.73 2.95
C PRO A 46 -10.05 -6.95 2.42
N ILE A 47 -9.81 -6.07 1.45
CA ILE A 47 -10.92 -5.44 0.70
C ILE A 47 -11.68 -6.61 0.02
N GLN A 48 -13.02 -6.55 0.05
CA GLN A 48 -13.82 -7.59 -0.61
C GLN A 48 -14.56 -7.04 -1.83
N LEU A 49 -15.09 -7.95 -2.63
CA LEU A 49 -15.83 -7.68 -3.86
C LEU A 49 -16.97 -6.64 -3.66
N SER A 50 -17.83 -6.80 -2.63
CA SER A 50 -18.96 -5.87 -2.39
C SER A 50 -18.49 -4.44 -2.05
N GLU A 51 -17.43 -4.32 -1.22
CA GLU A 51 -16.90 -3.00 -0.89
C GLU A 51 -16.31 -2.33 -2.14
N ALA A 52 -15.47 -3.07 -2.90
CA ALA A 52 -14.87 -2.52 -4.13
C ALA A 52 -15.94 -2.03 -5.11
N ARG A 53 -17.04 -2.80 -5.30
CA ARG A 53 -18.12 -2.39 -6.21
C ARG A 53 -18.80 -1.14 -5.66
N ASP A 54 -18.99 -1.03 -4.32
CA ASP A 54 -19.59 0.14 -3.65
C ASP A 54 -18.73 1.40 -3.90
N LEU A 55 -17.42 1.31 -3.68
CA LEU A 55 -16.47 2.42 -3.94
C LEU A 55 -16.52 2.89 -5.41
N SER A 56 -16.35 1.95 -6.37
CA SER A 56 -16.35 2.28 -7.80
C SER A 56 -17.71 2.80 -8.26
N GLY A 57 -18.79 2.20 -7.71
CA GLY A 57 -20.16 2.60 -8.02
C GLY A 57 -20.44 4.03 -7.61
N ASN A 58 -19.70 4.52 -6.60
CA ASN A 58 -19.84 5.88 -6.08
C ASN A 58 -18.75 6.83 -6.60
N GLY A 59 -18.06 6.41 -7.68
CA GLY A 59 -17.06 7.20 -8.39
C GLY A 59 -15.74 7.41 -7.67
N LEU A 60 -15.47 6.60 -6.62
CA LEU A 60 -14.22 6.70 -5.85
C LEU A 60 -13.13 5.81 -6.45
N LYS A 61 -11.87 6.24 -6.29
CA LYS A 61 -10.69 5.51 -6.74
C LYS A 61 -10.34 4.45 -5.72
N ILE A 62 -9.76 3.33 -6.19
CA ILE A 62 -9.31 2.25 -5.32
C ILE A 62 -7.85 2.00 -5.66
N VAL A 63 -7.02 1.83 -4.64
CA VAL A 63 -5.60 1.49 -4.78
C VAL A 63 -5.33 0.31 -3.84
N SER A 64 -4.56 -0.68 -4.29
CA SER A 64 -4.21 -1.88 -3.52
C SER A 64 -2.90 -1.73 -2.78
N CYS A 65 -2.87 -2.17 -1.52
CA CYS A 65 -1.66 -2.18 -0.71
CA CYS A 65 -1.69 -2.15 -0.63
C CYS A 65 -1.61 -3.48 0.09
N TYR A 66 -0.39 -3.98 0.30
CA TYR A 66 -0.20 -5.23 1.00
C TYR A 66 0.64 -5.06 2.24
N GLN A 67 0.11 -5.54 3.37
CA GLN A 67 0.84 -5.62 4.65
C GLN A 67 0.18 -6.67 5.54
N TYR A 68 0.91 -7.77 5.80
CA TYR A 68 0.42 -8.83 6.66
C TYR A 68 0.99 -8.67 8.09
N GLY A 69 2.32 -8.75 8.22
CA GLY A 69 3.00 -8.61 9.50
C GLY A 69 3.31 -7.18 9.87
N LYS A 70 3.96 -6.99 11.02
CA LYS A 70 4.32 -5.67 11.56
C LYS A 70 5.48 -5.80 12.56
N GLY A 71 6.32 -4.77 12.64
CA GLY A 71 7.44 -4.74 13.59
C GLY A 71 8.35 -5.93 13.41
N SER A 72 8.51 -6.75 14.45
CA SER A 72 9.40 -7.91 14.31
C SER A 72 8.81 -9.06 13.47
N THR A 73 7.60 -8.86 12.88
CA THR A 73 7.02 -9.81 11.93
C THR A 73 6.81 -9.12 10.60
N ALA A 74 7.51 -7.97 10.37
CA ALA A 74 7.45 -7.25 9.09
C ALA A 74 7.66 -8.23 7.94
N ASP A 75 6.82 -8.14 6.91
CA ASP A 75 6.82 -9.07 5.79
C ASP A 75 8.19 -9.26 5.14
N TRP A 76 8.99 -8.21 5.06
CA TRP A 76 10.27 -8.20 4.34
C TRP A 76 11.41 -8.89 5.08
N LEU A 77 11.22 -9.22 6.36
CA LEU A 77 12.28 -9.86 7.14
C LEU A 77 12.74 -11.18 6.52
N GLY A 78 11.81 -11.92 5.91
CA GLY A 78 12.07 -13.21 5.30
C GLY A 78 12.59 -13.16 3.87
N GLY A 79 12.99 -11.98 3.40
CA GLY A 79 13.60 -11.77 2.08
C GLY A 79 12.88 -12.38 0.90
N ALA A 80 13.61 -13.15 0.07
CA ALA A 80 13.08 -13.71 -1.18
C ALA A 80 11.87 -14.67 -0.99
N SER A 81 11.97 -15.65 -0.08
CA SER A 81 10.88 -16.64 0.16
C SER A 81 9.63 -15.94 0.65
N ALA A 82 9.78 -14.92 1.52
CA ALA A 82 8.65 -14.13 2.03
C ALA A 82 8.03 -13.31 0.90
N GLY A 83 8.88 -12.68 0.08
CA GLY A 83 8.40 -11.89 -1.06
C GLY A 83 7.53 -12.72 -1.98
N VAL A 84 7.92 -13.98 -2.24
CA VAL A 84 7.14 -14.88 -3.12
C VAL A 84 5.79 -15.20 -2.48
N GLN A 85 5.76 -15.61 -1.19
CA GLN A 85 4.52 -15.98 -0.50
C GLN A 85 3.55 -14.80 -0.42
N HIS A 86 4.06 -13.64 0.03
CA HIS A 86 3.25 -12.43 0.20
C HIS A 86 2.79 -11.86 -1.18
N ALA A 87 3.63 -11.89 -2.23
CA ALA A 87 3.22 -11.36 -3.56
C ALA A 87 2.10 -12.24 -4.14
N ARG A 88 2.26 -13.56 -4.03
CA ARG A 88 1.25 -14.52 -4.50
C ARG A 88 -0.08 -14.27 -3.78
N ARG A 89 -0.03 -14.07 -2.45
CA ARG A 89 -1.23 -13.84 -1.66
C ARG A 89 -1.87 -12.52 -2.01
N GLY A 90 -1.08 -11.44 -2.15
CA GLY A 90 -1.63 -10.14 -2.52
C GLY A 90 -2.26 -10.16 -3.90
N SER A 91 -1.61 -10.82 -4.87
CA SER A 91 -2.12 -10.96 -6.24
C SER A 91 -3.48 -11.69 -6.21
N GLU A 92 -3.57 -12.76 -5.38
CA GLU A 92 -4.79 -13.56 -5.20
CA GLU A 92 -4.78 -13.54 -5.24
C GLU A 92 -5.93 -12.71 -4.64
N LEU A 93 -5.66 -11.97 -3.57
CA LEU A 93 -6.70 -11.16 -2.92
C LEU A 93 -7.12 -9.94 -3.77
N HIS A 94 -6.18 -9.35 -4.50
CA HIS A 94 -6.46 -8.22 -5.41
C HIS A 94 -7.49 -8.71 -6.47
N ALA A 95 -7.20 -9.88 -7.08
CA ALA A 95 -8.08 -10.49 -8.08
C ALA A 95 -9.45 -10.90 -7.48
N ALA A 96 -9.46 -11.39 -6.22
CA ALA A 96 -10.66 -11.84 -5.53
C ALA A 96 -11.64 -10.68 -5.25
N ALA A 97 -11.11 -9.46 -5.05
CA ALA A 97 -11.91 -8.26 -4.82
C ALA A 97 -12.31 -7.57 -6.15
N GLY A 98 -11.96 -8.19 -7.27
CA GLY A 98 -12.25 -7.71 -8.62
C GLY A 98 -11.28 -6.67 -9.14
N GLY A 99 -10.08 -6.70 -8.58
CA GLY A 99 -8.99 -5.80 -8.94
C GLY A 99 -8.39 -6.22 -10.28
N PRO A 100 -8.14 -5.25 -11.19
CA PRO A 100 -7.63 -5.62 -12.54
C PRO A 100 -6.12 -5.86 -12.54
N THR A 101 -5.64 -6.69 -13.48
CA THR A 101 -4.20 -6.95 -13.58
C THR A 101 -3.41 -5.67 -14.01
N SER A 102 -4.10 -4.68 -14.59
CA SER A 102 -3.45 -3.42 -14.97
C SER A 102 -3.05 -2.59 -13.72
N ALA A 103 -3.65 -2.89 -12.57
CA ALA A 103 -3.40 -2.14 -11.34
C ALA A 103 -2.24 -2.75 -10.53
N PRO A 104 -1.40 -1.91 -9.95
CA PRO A 104 -0.30 -2.44 -9.13
C PRO A 104 -0.75 -2.76 -7.71
N ILE A 105 0.19 -3.26 -6.92
CA ILE A 105 0.00 -3.54 -5.50
C ILE A 105 1.20 -2.94 -4.78
N TYR A 106 0.93 -2.05 -3.82
CA TYR A 106 1.98 -1.42 -3.01
C TYR A 106 2.41 -2.37 -1.91
N ALA A 107 3.59 -3.01 -2.07
CA ALA A 107 4.16 -3.84 -0.99
C ALA A 107 4.60 -2.89 0.14
N SER A 108 4.28 -3.21 1.40
CA SER A 108 4.62 -2.33 2.51
C SER A 108 5.94 -2.63 3.19
N ILE A 109 6.70 -1.56 3.39
CA ILE A 109 7.91 -1.46 4.21
C ILE A 109 7.50 -0.51 5.32
N ASP A 110 6.64 -0.97 6.25
CA ASP A 110 6.12 -0.15 7.35
C ASP A 110 7.18 -0.13 8.45
N ASP A 111 8.35 0.45 8.12
CA ASP A 111 9.56 0.45 8.96
C ASP A 111 10.50 1.58 8.57
N ASN A 112 11.55 1.73 9.38
CA ASN A 112 12.64 2.69 9.17
C ASN A 112 13.94 1.86 9.09
N PRO A 113 14.13 1.07 8.00
CA PRO A 113 15.26 0.13 7.99
C PRO A 113 16.61 0.78 7.76
N SER A 114 17.66 0.09 8.20
CA SER A 114 19.03 0.48 7.91
C SER A 114 19.32 0.11 6.44
N TYR A 115 20.41 0.66 5.86
CA TYR A 115 20.86 0.32 4.53
C TYR A 115 21.22 -1.18 4.43
N GLU A 116 21.76 -1.76 5.54
CA GLU A 116 22.10 -3.18 5.66
C GLU A 116 20.84 -4.05 5.54
N GLN A 117 19.79 -3.72 6.31
CA GLN A 117 18.50 -4.41 6.28
C GLN A 117 17.88 -4.29 4.90
N TYR A 118 18.02 -3.10 4.29
CA TYR A 118 17.53 -2.89 2.92
C TYR A 118 18.24 -3.85 1.95
N LYS A 119 19.59 -3.83 1.94
CA LYS A 119 20.36 -4.67 1.00
C LYS A 119 20.15 -6.18 1.23
N ASN A 120 20.14 -6.62 2.49
CA ASN A 120 20.09 -8.06 2.77
C ASN A 120 18.70 -8.64 2.77
N GLN A 121 17.67 -7.82 3.01
CA GLN A 121 16.30 -8.35 3.15
C GLN A 121 15.27 -7.68 2.25
N ILE A 122 15.24 -6.33 2.16
CA ILE A 122 14.21 -5.66 1.34
C ILE A 122 14.44 -5.89 -0.16
N VAL A 123 15.72 -5.84 -0.61
CA VAL A 123 16.06 -6.05 -2.03
C VAL A 123 15.54 -7.44 -2.49
N PRO A 124 15.88 -8.58 -1.82
CA PRO A 124 15.35 -9.88 -2.28
C PRO A 124 13.83 -9.98 -2.12
N TYR A 125 13.26 -9.32 -1.07
CA TYR A 125 11.81 -9.24 -0.85
C TYR A 125 11.12 -8.61 -2.06
N LEU A 126 11.60 -7.44 -2.51
CA LEU A 126 11.02 -6.70 -3.63
C LEU A 126 11.30 -7.38 -4.97
N ARG A 127 12.49 -8.00 -5.17
CA ARG A 127 12.80 -8.75 -6.42
C ARG A 127 11.80 -9.89 -6.59
N SER A 128 11.41 -10.50 -5.47
CA SER A 128 10.43 -11.58 -5.45
C SER A 128 9.04 -11.06 -5.82
N TRP A 129 8.64 -9.86 -5.33
CA TRP A 129 7.38 -9.25 -5.73
C TRP A 129 7.36 -9.03 -7.25
N GLU A 130 8.49 -8.59 -7.83
CA GLU A 130 8.63 -8.39 -9.27
C GLU A 130 8.57 -9.72 -10.00
N SER A 131 9.23 -10.79 -9.47
CA SER A 131 9.17 -12.09 -10.15
CA SER A 131 9.18 -12.11 -10.12
C SER A 131 7.74 -12.65 -10.21
N VAL A 132 6.88 -12.31 -9.22
CA VAL A 132 5.50 -12.80 -9.17
C VAL A 132 4.54 -11.95 -10.03
N ILE A 133 4.46 -10.62 -9.79
CA ILE A 133 3.46 -9.79 -10.48
C ILE A 133 4.07 -8.86 -11.54
N GLY A 134 5.39 -8.81 -11.60
CA GLY A 134 6.10 -7.98 -12.58
C GLY A 134 6.51 -6.63 -12.03
N HIS A 135 7.64 -6.11 -12.55
CA HIS A 135 8.17 -4.77 -12.21
C HIS A 135 7.09 -3.67 -12.36
N GLN A 136 6.31 -3.72 -13.46
CA GLN A 136 5.28 -2.73 -13.80
C GLN A 136 4.10 -2.70 -12.79
N ARG A 137 3.90 -3.78 -12.00
CA ARG A 137 2.83 -3.82 -10.99
C ARG A 137 3.35 -3.69 -9.56
N THR A 138 4.66 -3.55 -9.39
CA THR A 138 5.21 -3.51 -8.05
C THR A 138 5.27 -2.06 -7.53
N GLY A 139 4.48 -1.83 -6.49
CA GLY A 139 4.50 -0.60 -5.71
C GLY A 139 5.26 -0.77 -4.40
N VAL A 140 5.82 0.33 -3.91
CA VAL A 140 6.59 0.32 -2.66
C VAL A 140 6.03 1.40 -1.72
N TYR A 141 5.57 0.98 -0.54
CA TYR A 141 5.14 1.89 0.54
C TYR A 141 6.32 1.93 1.51
N ALA A 142 7.00 3.09 1.57
CA ALA A 142 8.25 3.21 2.35
C ALA A 142 8.64 4.67 2.59
N ASN A 143 9.66 4.92 3.46
CA ASN A 143 10.11 6.29 3.74
C ASN A 143 10.96 6.78 2.55
N SER A 144 11.36 8.07 2.53
CA SER A 144 12.11 8.68 1.43
C SER A 144 13.49 8.01 1.18
N LYS A 145 14.17 7.51 2.25
CA LYS A 145 15.48 6.86 2.05
C LYS A 145 15.30 5.54 1.32
N THR A 146 14.29 4.72 1.73
CA THR A 146 14.03 3.41 1.13
C THR A 146 13.62 3.60 -0.31
N ILE A 147 12.77 4.59 -0.59
CA ILE A 147 12.34 4.93 -1.97
C ILE A 147 13.59 5.26 -2.79
N ASP A 148 14.51 6.06 -2.23
CA ASP A 148 15.73 6.43 -2.93
C ASP A 148 16.56 5.20 -3.30
N TRP A 149 16.78 4.28 -2.34
CA TRP A 149 17.52 3.03 -2.55
C TRP A 149 16.84 2.13 -3.61
N ALA A 150 15.51 1.96 -3.53
CA ALA A 150 14.72 1.16 -4.49
C ALA A 150 14.85 1.75 -5.90
N VAL A 151 14.71 3.10 -6.04
CA VAL A 151 14.81 3.81 -7.35
C VAL A 151 16.19 3.52 -7.98
N ASN A 152 17.27 3.65 -7.20
CA ASN A 152 18.65 3.42 -7.66
C ASN A 152 18.87 1.96 -8.07
N ASP A 153 18.15 1.02 -7.43
CA ASP A 153 18.29 -0.38 -7.77
C ASP A 153 17.28 -0.79 -8.88
N GLY A 154 16.40 0.14 -9.27
CA GLY A 154 15.37 -0.07 -10.28
C GLY A 154 14.25 -1.01 -9.82
N LEU A 155 14.03 -1.12 -8.49
CA LEU A 155 13.00 -1.99 -7.91
C LEU A 155 11.75 -1.16 -7.63
N GLY A 156 10.61 -1.61 -8.15
CA GLY A 156 9.34 -0.90 -7.99
C GLY A 156 9.13 0.12 -9.11
N SER A 157 7.85 0.32 -9.49
CA SER A 157 7.37 1.27 -10.51
C SER A 157 6.48 2.37 -9.89
N TYR A 158 5.91 2.11 -8.68
CA TYR A 158 5.04 3.02 -7.94
C TYR A 158 5.60 3.23 -6.54
N PHE A 159 5.55 4.48 -6.01
CA PHE A 159 6.12 4.77 -4.71
C PHE A 159 5.18 5.62 -3.84
N TRP A 160 4.96 5.16 -2.62
CA TRP A 160 4.09 5.82 -1.67
C TRP A 160 4.93 6.09 -0.41
N GLN A 161 5.23 7.36 -0.20
CA GLN A 161 6.08 7.76 0.89
C GLN A 161 5.35 7.90 2.19
N HIS A 162 5.94 7.30 3.24
CA HIS A 162 5.53 7.44 4.65
C HIS A 162 6.61 8.28 5.36
N ASN A 163 6.31 8.86 6.53
CA ASN A 163 7.33 9.75 7.06
CA ASN A 163 7.10 9.80 7.32
C ASN A 163 8.15 9.17 8.24
N TRP A 164 8.07 7.85 8.48
CA TRP A 164 8.94 7.26 9.50
C TRP A 164 10.36 7.03 8.93
N GLY A 165 11.22 7.99 9.21
CA GLY A 165 12.59 8.00 8.71
C GLY A 165 12.79 8.95 7.55
N SER A 166 11.72 9.66 7.13
CA SER A 166 11.83 10.64 6.06
C SER A 166 12.20 12.01 6.67
N PRO A 167 13.12 12.83 6.12
CA PRO A 167 13.37 14.14 6.77
C PRO A 167 12.09 14.98 6.72
N LYS A 168 11.82 15.71 7.80
CA LYS A 168 10.64 16.58 7.91
C LYS A 168 10.55 17.51 6.69
N GLY A 169 9.38 17.51 6.05
CA GLY A 169 9.06 18.36 4.90
C GLY A 169 9.61 17.93 3.56
N TYR A 170 10.30 16.78 3.50
CA TYR A 170 10.89 16.32 2.26
C TYR A 170 9.98 15.34 1.56
N THR A 171 9.72 15.59 0.27
CA THR A 171 8.92 14.71 -0.57
C THR A 171 9.86 14.15 -1.64
N HIS A 172 9.99 12.79 -1.72
CA HIS A 172 10.85 12.22 -2.77
C HIS A 172 10.23 12.50 -4.13
N PRO A 173 11.00 13.01 -5.13
CA PRO A 173 10.39 13.30 -6.45
C PRO A 173 9.84 12.06 -7.18
N ALA A 174 10.22 10.84 -6.75
CA ALA A 174 9.70 9.65 -7.40
C ALA A 174 8.35 9.22 -6.86
N ALA A 175 7.88 9.84 -5.74
CA ALA A 175 6.63 9.43 -5.09
C ALA A 175 5.36 9.80 -5.87
N HIS A 176 4.47 8.83 -5.97
CA HIS A 176 3.16 8.98 -6.59
C HIS A 176 2.19 9.46 -5.51
N LEU A 177 2.42 8.98 -4.25
CA LEU A 177 1.56 9.24 -3.10
C LEU A 177 2.41 9.60 -1.90
N HIS A 178 1.89 10.50 -1.05
CA HIS A 178 2.61 10.90 0.15
C HIS A 178 1.66 10.91 1.34
N GLN A 179 1.94 10.06 2.35
CA GLN A 179 1.19 9.96 3.59
C GLN A 179 1.46 11.21 4.39
N VAL A 180 0.42 11.95 4.72
CA VAL A 180 0.67 13.21 5.39
C VAL A 180 0.32 13.17 6.85
N GLU A 181 -0.76 12.47 7.21
CA GLU A 181 -1.30 12.41 8.57
C GLU A 181 -1.91 11.08 8.78
N LYS A 184 -4.38 9.90 14.29
CA LYS A 184 -4.86 11.21 14.73
C LYS A 184 -6.24 11.62 14.07
N ARG A 185 -6.82 10.75 13.19
CA ARG A 185 -8.11 11.03 12.54
C ARG A 185 -8.98 9.77 12.37
N LYS A 186 -10.30 9.93 12.56
CA LYS A 186 -11.28 8.86 12.35
C LYS A 186 -12.37 9.32 11.38
N VAL A 187 -12.80 8.42 10.49
CA VAL A 187 -13.88 8.65 9.53
C VAL A 187 -14.88 7.54 9.78
N GLY A 188 -16.05 7.92 10.27
CA GLY A 188 -17.14 7.00 10.64
C GLY A 188 -16.74 6.00 11.70
N GLY A 189 -15.96 6.45 12.68
CA GLY A 189 -15.45 5.60 13.77
C GLY A 189 -14.32 4.67 13.39
N VAL A 190 -13.76 4.83 12.17
CA VAL A 190 -12.65 4.01 11.68
C VAL A 190 -11.42 4.93 11.56
N GLY A 191 -10.33 4.55 12.23
CA GLY A 191 -9.05 5.25 12.16
C GLY A 191 -8.50 5.24 10.74
N VAL A 192 -8.14 6.43 10.22
CA VAL A 192 -7.61 6.55 8.86
C VAL A 192 -6.36 7.41 8.86
N ASP A 193 -5.60 7.25 7.78
CA ASP A 193 -4.48 8.12 7.46
C ASP A 193 -4.81 8.79 6.14
N VAL A 194 -4.35 10.04 5.97
CA VAL A 194 -4.62 10.84 4.79
C VAL A 194 -3.38 10.82 3.90
N ASN A 195 -3.57 10.67 2.59
CA ASN A 195 -2.48 10.56 1.61
C ASN A 195 -2.67 11.51 0.46
N GLN A 196 -1.69 12.35 0.19
CA GLN A 196 -1.77 13.29 -0.93
C GLN A 196 -1.45 12.60 -2.24
N ILE A 197 -2.24 12.87 -3.29
CA ILE A 197 -1.93 12.32 -4.61
C ILE A 197 -0.97 13.30 -5.28
N LEU A 198 0.18 12.80 -5.75
CA LEU A 198 1.23 13.64 -6.34
C LEU A 198 1.42 13.46 -7.83
N LYS A 199 1.04 12.30 -8.38
CA LYS A 199 1.12 12.00 -9.82
C LYS A 199 -0.26 11.50 -10.30
N PRO A 200 -0.75 11.90 -11.51
CA PRO A 200 -2.12 11.51 -11.92
C PRO A 200 -2.35 10.00 -12.09
N GLN A 201 -1.30 9.23 -12.40
CA GLN A 201 -1.38 7.77 -12.53
C GLN A 201 -0.64 7.22 -11.32
N PHE A 202 -1.39 6.90 -10.27
CA PHE A 202 -0.82 6.55 -8.97
C PHE A 202 -1.20 5.13 -8.50
N GLY A 203 -1.70 4.31 -9.43
CA GLY A 203 -2.05 2.94 -9.12
C GLY A 203 -3.53 2.66 -8.93
N GLN A 204 -4.38 3.63 -9.25
CA GLN A 204 -5.84 3.44 -9.15
C GLN A 204 -6.28 2.28 -10.05
N TRP A 205 -7.28 1.52 -9.61
CA TRP A 205 -7.80 0.39 -10.37
C TRP A 205 -8.32 0.86 -11.75
N ALA A 206 -8.93 2.07 -11.81
CA ALA A 206 -9.44 2.73 -13.02
C ALA A 206 -9.61 4.25 -12.78
N1 EPE B . -0.76 0.55 9.49
C2 EPE B . -1.20 1.67 10.36
C3 EPE B . -0.91 2.99 9.69
N4 EPE B . 0.52 3.13 9.40
C5 EPE B . 0.95 2.03 8.53
C6 EPE B . 0.67 0.69 9.18
C7 EPE B . 0.83 4.43 8.80
C8 EPE B . 1.13 5.52 9.79
O8 EPE B . -0.08 6.03 10.35
C9 EPE B . -1.05 -0.74 10.16
C10 EPE B . -0.69 -1.98 9.38
S EPE B . -1.38 -3.42 10.06
O1S EPE B . -1.21 -3.34 11.50
O2S EPE B . -2.77 -3.44 9.66
O3S EPE B . -0.62 -4.54 9.48
NA NA C . 13.29 -16.43 3.58
#